data_2JQS
#
_entry.id   2JQS
#
_cell.length_a   1.000
_cell.length_b   1.000
_cell.length_c   1.000
_cell.angle_alpha   90.00
_cell.angle_beta   90.00
_cell.angle_gamma   90.00
#
_symmetry.space_group_name_H-M   'P 1'
#
_entity_poly.entity_id   1
_entity_poly.type   'polypeptide(L)'
_entity_poly.pdbx_seq_one_letter_code
;DRLYSFGL(NH2)
;
_entity_poly.pdbx_strand_id   A
#
loop_
_chem_comp.id
_chem_comp.type
_chem_comp.name
_chem_comp.formula
NH2 non-polymer 'AMINO GROUP' 'H2 N'
#
# COMPACT_ATOMS: atom_id res chain seq x y z
N ASP A 1 4.98 2.07 3.06
CA ASP A 1 4.48 2.57 1.79
C ASP A 1 3.13 3.24 2.00
N ARG A 2 2.68 3.94 0.97
CA ARG A 2 1.41 4.64 1.04
C ARG A 2 0.38 3.96 0.13
N LEU A 3 0.64 4.01 -1.16
CA LEU A 3 -0.25 3.41 -2.13
C LEU A 3 -0.06 1.89 -2.12
N TYR A 4 1.17 1.49 -1.89
CA TYR A 4 1.51 0.07 -1.84
C TYR A 4 1.26 -0.51 -0.45
N SER A 5 0.91 0.38 0.47
CA SER A 5 0.63 -0.02 1.84
C SER A 5 -0.80 -0.55 1.96
N PHE A 6 -1.49 -0.54 0.83
CA PHE A 6 -2.86 -1.01 0.79
C PHE A 6 -2.93 -2.53 0.67
N GLY A 7 -1.79 -3.16 0.95
CA GLY A 7 -1.69 -4.61 0.88
C GLY A 7 -1.80 -5.09 -0.57
N LEU A 8 -2.89 -4.70 -1.23
CA LEU A 8 -3.12 -5.08 -2.61
C LEU A 8 -2.27 -4.19 -3.52
N NH2 A 9 -0.97 -4.49 -3.53
HN1 NH2 A 9 -0.62 -5.24 -2.97
HN2 NH2 A 9 -0.35 -3.96 -4.11
N ASP A 1 4.87 2.15 3.20
CA ASP A 1 4.40 2.55 1.89
C ASP A 1 3.07 3.28 2.03
N ARG A 2 2.67 3.92 0.95
CA ARG A 2 1.42 4.67 0.94
C ARG A 2 0.39 3.95 0.06
N LEU A 3 0.64 3.97 -1.23
CA LEU A 3 -0.26 3.33 -2.19
C LEU A 3 -0.04 1.81 -2.13
N TYR A 4 1.20 1.42 -1.89
CA TYR A 4 1.55 0.02 -1.82
C TYR A 4 1.31 -0.53 -0.40
N SER A 5 0.93 0.37 0.49
CA SER A 5 0.68 0.00 1.87
C SER A 5 -0.75 -0.55 2.00
N PHE A 6 -1.46 -0.54 0.88
CA PHE A 6 -2.83 -1.03 0.86
C PHE A 6 -2.86 -2.55 0.70
N GLY A 7 -1.70 -3.16 0.92
CA GLY A 7 -1.58 -4.61 0.81
C GLY A 7 -1.76 -5.06 -0.64
N LEU A 8 -2.89 -4.68 -1.21
CA LEU A 8 -3.19 -5.03 -2.59
C LEU A 8 -2.42 -4.11 -3.54
N NH2 A 9 -1.12 -4.37 -3.60
HN1 NH2 A 9 -0.72 -5.10 -3.07
HN2 NH2 A 9 -0.53 -3.80 -4.20
N ASP A 1 4.26 1.57 1.17
CA ASP A 1 4.35 2.59 2.19
C ASP A 1 3.01 3.34 2.25
N ARG A 2 2.66 3.96 1.13
CA ARG A 2 1.42 4.72 1.04
C ARG A 2 0.42 4.00 0.13
N LEU A 3 0.76 3.99 -1.16
CA LEU A 3 -0.09 3.35 -2.14
C LEU A 3 0.10 1.83 -2.05
N TYR A 4 1.32 1.43 -1.73
CA TYR A 4 1.64 0.02 -1.61
C TYR A 4 1.30 -0.50 -0.21
N SER A 5 0.87 0.41 0.64
CA SER A 5 0.52 0.06 2.00
C SER A 5 -0.91 -0.49 2.04
N PHE A 6 -1.54 -0.50 0.89
CA PHE A 6 -2.90 -1.00 0.78
C PHE A 6 -2.92 -2.52 0.64
N GLY A 7 -1.78 -3.13 0.95
CA GLY A 7 -1.65 -4.58 0.87
C GLY A 7 -1.73 -5.05 -0.58
N LEU A 8 -2.81 -4.68 -1.24
CA LEU A 8 -3.02 -5.05 -2.63
C LEU A 8 -2.17 -4.15 -3.52
N NH2 A 9 -0.87 -4.40 -3.51
HN1 NH2 A 9 -0.51 -5.13 -2.94
HN2 NH2 A 9 -0.25 -3.85 -4.08
N ASP A 1 4.30 1.64 1.11
CA ASP A 1 4.34 2.59 2.21
C ASP A 1 3.01 3.34 2.26
N ARG A 2 2.66 3.96 1.14
CA ARG A 2 1.42 4.72 1.05
C ARG A 2 0.43 3.99 0.13
N LEU A 3 0.77 3.99 -1.15
CA LEU A 3 -0.09 3.34 -2.13
C LEU A 3 0.10 1.82 -2.04
N TYR A 4 1.32 1.43 -1.72
CA TYR A 4 1.64 0.01 -1.60
C TYR A 4 1.31 -0.51 -0.21
N SER A 5 0.87 0.41 0.64
CA SER A 5 0.51 0.05 2.00
C SER A 5 -0.91 -0.50 2.05
N PHE A 6 -1.55 -0.51 0.88
CA PHE A 6 -2.90 -1.00 0.77
C PHE A 6 -2.93 -2.52 0.64
N GLY A 7 -1.78 -3.12 0.95
CA GLY A 7 -1.66 -4.57 0.87
C GLY A 7 -1.73 -5.05 -0.58
N LEU A 8 -2.81 -4.68 -1.24
CA LEU A 8 -3.02 -5.06 -2.63
C LEU A 8 -2.17 -4.15 -3.52
N NH2 A 9 -0.87 -4.40 -3.51
HN1 NH2 A 9 -0.51 -5.14 -2.94
HN2 NH2 A 9 -0.25 -3.85 -4.07
N ASP A 1 4.90 2.11 3.17
CA ASP A 1 4.45 2.56 1.86
C ASP A 1 3.11 3.30 2.02
N ARG A 2 2.70 3.94 0.94
CA ARG A 2 1.45 4.68 0.94
C ARG A 2 0.41 3.98 0.07
N LEU A 3 0.65 3.98 -1.23
CA LEU A 3 -0.25 3.34 -2.17
C LEU A 3 -0.05 1.84 -2.12
N TYR A 4 1.19 1.44 -1.88
CA TYR A 4 1.53 0.03 -1.80
C TYR A 4 1.29 -0.52 -0.40
N SER A 5 0.89 0.39 0.50
CA SER A 5 0.63 0.01 1.88
C SER A 5 -0.79 -0.55 2.00
N PHE A 6 -1.50 -0.54 0.88
CA PHE A 6 -2.86 -1.05 0.85
C PHE A 6 -2.88 -2.57 0.69
N GLY A 7 -1.72 -3.17 0.93
CA GLY A 7 -1.59 -4.62 0.82
C GLY A 7 -1.75 -5.06 -0.64
N LEU A 8 -2.88 -4.70 -1.22
CA LEU A 8 -3.16 -5.06 -2.61
C LEU A 8 -2.38 -4.14 -3.54
N NH2 A 9 -1.08 -4.38 -3.60
HN1 NH2 A 9 -0.69 -5.12 -3.07
HN2 NH2 A 9 -0.50 -3.81 -4.20
N ASP A 1 4.99 2.08 3.07
CA ASP A 1 4.48 2.57 1.79
C ASP A 1 3.13 3.24 2.00
N ARG A 2 2.68 3.94 0.97
CA ARG A 2 1.41 4.64 1.04
C ARG A 2 0.38 3.96 0.13
N LEU A 3 0.64 4.01 -1.16
CA LEU A 3 -0.25 3.41 -2.13
C LEU A 3 -0.06 1.89 -2.11
N TYR A 4 1.17 1.49 -1.89
CA TYR A 4 1.51 0.07 -1.84
C TYR A 4 1.26 -0.51 -0.45
N SER A 5 0.91 0.38 0.47
CA SER A 5 0.63 -0.02 1.84
C SER A 5 -0.79 -0.55 1.95
N PHE A 6 -1.49 -0.54 0.83
CA PHE A 6 -2.86 -1.01 0.79
C PHE A 6 -2.93 -2.53 0.67
N GLY A 7 -1.79 -3.16 0.95
CA GLY A 7 -1.69 -4.60 0.87
C GLY A 7 -1.80 -5.09 -0.57
N LEU A 8 -2.89 -4.70 -1.22
CA LEU A 8 -3.12 -5.08 -2.61
C LEU A 8 -2.27 -4.19 -3.52
N NH2 A 9 -0.97 -4.49 -3.53
HN1 NH2 A 9 -0.62 -5.24 -2.97
HN2 NH2 A 9 -0.35 -3.96 -4.11
N ASP A 1 4.99 2.08 3.06
CA ASP A 1 4.48 2.57 1.79
C ASP A 1 3.13 3.24 2.00
N ARG A 2 2.68 3.94 0.97
CA ARG A 2 1.41 4.64 1.04
C ARG A 2 0.38 3.96 0.13
N LEU A 3 0.64 4.01 -1.16
CA LEU A 3 -0.25 3.41 -2.13
C LEU A 3 -0.06 1.89 -2.11
N TYR A 4 1.17 1.49 -1.89
CA TYR A 4 1.51 0.07 -1.84
C TYR A 4 1.26 -0.51 -0.45
N SER A 5 0.91 0.38 0.47
CA SER A 5 0.63 -0.02 1.84
C SER A 5 -0.80 -0.55 1.96
N PHE A 6 -1.49 -0.54 0.83
CA PHE A 6 -2.86 -1.01 0.79
C PHE A 6 -2.93 -2.53 0.67
N GLY A 7 -1.79 -3.16 0.95
CA GLY A 7 -1.69 -4.60 0.87
C GLY A 7 -1.80 -5.09 -0.57
N LEU A 8 -2.89 -4.70 -1.23
CA LEU A 8 -3.12 -5.08 -2.61
C LEU A 8 -2.27 -4.19 -3.52
N NH2 A 9 -0.97 -4.49 -3.53
HN1 NH2 A 9 -0.62 -5.24 -2.97
HN2 NH2 A 9 -0.35 -3.96 -4.11
N ASP A 1 4.34 1.61 1.03
CA ASP A 1 4.39 2.59 2.12
C ASP A 1 3.03 3.28 2.25
N ARG A 2 2.64 3.96 1.17
CA ARG A 2 1.38 4.67 1.15
C ARG A 2 0.40 3.97 0.20
N LEU A 3 0.75 4.02 -1.08
CA LEU A 3 -0.09 3.40 -2.10
C LEU A 3 0.10 1.88 -2.05
N TYR A 4 1.32 1.48 -1.74
CA TYR A 4 1.63 0.06 -1.65
C TYR A 4 1.30 -0.50 -0.27
N SER A 5 0.88 0.40 0.62
CA SER A 5 0.53 0.02 1.97
C SER A 5 -0.91 -0.50 2.01
N PHE A 6 -1.53 -0.50 0.84
CA PHE A 6 -2.91 -0.96 0.72
C PHE A 6 -2.96 -2.48 0.62
N GLY A 7 -1.85 -3.12 0.97
CA GLY A 7 -1.76 -4.56 0.92
C GLY A 7 -1.78 -5.07 -0.52
N LEU A 8 -2.82 -4.67 -1.24
CA LEU A 8 -2.97 -5.07 -2.63
C LEU A 8 -2.06 -4.21 -3.50
N NH2 A 9 -0.77 -4.51 -3.44
HN1 NH2 A 9 -0.46 -5.26 -2.84
HN2 NH2 A 9 -0.11 -3.99 -3.98
N ASP A 1 4.99 2.08 3.06
CA ASP A 1 4.48 2.57 1.79
C ASP A 1 3.13 3.24 2.00
N ARG A 2 2.68 3.94 0.97
CA ARG A 2 1.41 4.64 1.04
C ARG A 2 0.38 3.96 0.13
N LEU A 3 0.64 4.01 -1.16
CA LEU A 3 -0.25 3.41 -2.13
C LEU A 3 -0.06 1.89 -2.11
N TYR A 4 1.17 1.49 -1.89
CA TYR A 4 1.51 0.07 -1.84
C TYR A 4 1.26 -0.51 -0.45
N SER A 5 0.91 0.38 0.47
CA SER A 5 0.63 -0.02 1.84
C SER A 5 -0.80 -0.55 1.96
N PHE A 6 -1.49 -0.54 0.83
CA PHE A 6 -2.87 -1.01 0.80
C PHE A 6 -2.93 -2.53 0.67
N GLY A 7 -1.79 -3.16 0.95
CA GLY A 7 -1.69 -4.60 0.87
C GLY A 7 -1.80 -5.09 -0.57
N LEU A 8 -2.89 -4.70 -1.23
CA LEU A 8 -3.12 -5.08 -2.61
C LEU A 8 -2.27 -4.19 -3.52
N NH2 A 9 -0.97 -4.49 -3.53
HN1 NH2 A 9 -0.62 -5.24 -2.97
HN2 NH2 A 9 -0.35 -3.96 -4.11
N ASP A 1 4.34 1.61 1.04
CA ASP A 1 4.39 2.59 2.12
C ASP A 1 3.03 3.28 2.24
N ARG A 2 2.64 3.96 1.17
CA ARG A 2 1.38 4.67 1.15
C ARG A 2 0.40 3.97 0.20
N LEU A 3 0.74 4.02 -1.08
CA LEU A 3 -0.09 3.40 -2.10
C LEU A 3 0.10 1.88 -2.05
N TYR A 4 1.31 1.48 -1.74
CA TYR A 4 1.63 0.06 -1.65
C TYR A 4 1.30 -0.50 -0.27
N SER A 5 0.89 0.41 0.61
CA SER A 5 0.53 0.02 1.97
C SER A 5 -0.91 -0.50 2.01
N PHE A 6 -1.54 -0.50 0.84
CA PHE A 6 -2.90 -0.96 0.72
C PHE A 6 -2.96 -2.48 0.62
N GLY A 7 -1.85 -3.12 0.97
CA GLY A 7 -1.76 -4.56 0.92
C GLY A 7 -1.78 -5.07 -0.52
N LEU A 8 -2.82 -4.67 -1.24
CA LEU A 8 -2.97 -5.07 -2.63
C LEU A 8 -2.06 -4.21 -3.50
N NH2 A 9 -0.77 -4.51 -3.44
HN1 NH2 A 9 -0.46 -5.26 -2.84
HN2 NH2 A 9 -0.11 -3.99 -3.97
N ASP A 1 4.41 1.70 3.29
CA ASP A 1 4.28 2.49 2.07
C ASP A 1 2.98 3.30 2.12
N ARG A 2 2.65 3.89 0.99
CA ARG A 2 1.44 4.69 0.89
C ARG A 2 0.39 3.97 0.04
N LEU A 3 0.60 4.02 -1.26
CA LEU A 3 -0.32 3.39 -2.19
C LEU A 3 -0.08 1.87 -2.18
N TYR A 4 1.18 1.51 -1.98
CA TYR A 4 1.54 0.10 -1.95
C TYR A 4 1.36 -0.49 -0.54
N SER A 5 1.04 0.40 0.40
CA SER A 5 0.83 -0.01 1.77
C SER A 5 -0.60 -0.53 1.94
N PHE A 6 -1.34 -0.52 0.85
CA PHE A 6 -2.72 -0.99 0.87
C PHE A 6 -2.78 -2.51 0.74
N GLY A 7 -1.62 -3.14 0.95
CA GLY A 7 -1.54 -4.59 0.85
C GLY A 7 -1.75 -5.06 -0.59
N LEU A 8 -2.88 -4.67 -1.15
CA LEU A 8 -3.22 -5.04 -2.51
C LEU A 8 -2.44 -4.14 -3.48
N NH2 A 9 -1.14 -4.42 -3.58
HN1 NH2 A 9 -0.75 -5.16 -3.04
HN2 NH2 A 9 -0.57 -3.89 -4.19
N ASP A 1 4.14 1.13 0.63
CA ASP A 1 4.37 1.90 1.83
C ASP A 1 3.14 2.77 2.12
N ARG A 2 2.75 3.54 1.12
CA ARG A 2 1.60 4.41 1.25
C ARG A 2 0.44 3.90 0.40
N LEU A 3 0.56 4.12 -0.90
CA LEU A 3 -0.47 3.68 -1.83
C LEU A 3 -0.35 2.17 -2.04
N TYR A 4 0.88 1.69 -1.98
CA TYR A 4 1.14 0.26 -2.16
C TYR A 4 0.98 -0.49 -0.84
N SER A 5 0.83 0.28 0.23
CA SER A 5 0.67 -0.31 1.55
C SER A 5 -0.80 -0.68 1.78
N PHE A 6 -1.60 -0.42 0.77
CA PHE A 6 -3.03 -0.72 0.84
C PHE A 6 -3.29 -2.20 0.57
N GLY A 7 -2.64 -3.04 1.37
CA GLY A 7 -2.81 -4.48 1.23
C GLY A 7 -2.05 -4.99 0.01
N LEU A 8 -2.35 -4.39 -1.13
CA LEU A 8 -1.71 -4.78 -2.38
C LEU A 8 -0.30 -4.17 -2.44
N NH2 A 9 0.17 -3.98 -3.66
HN1 NH2 A 9 -0.38 -4.24 -4.46
HN2 NH2 A 9 1.09 -3.59 -3.78
N ASP A 1 5.08 2.15 3.02
CA ASP A 1 4.53 2.58 1.74
C ASP A 1 3.18 3.26 1.98
N ARG A 2 2.71 3.95 0.96
CA ARG A 2 1.44 4.65 1.03
C ARG A 2 0.40 3.97 0.14
N LEU A 3 0.66 4.02 -1.16
CA LEU A 3 -0.24 3.41 -2.12
C LEU A 3 -0.06 1.89 -2.09
N TYR A 4 1.18 1.48 -1.86
CA TYR A 4 1.49 0.07 -1.80
C TYR A 4 1.23 -0.51 -0.41
N SER A 5 0.85 0.39 0.50
CA SER A 5 0.58 -0.01 1.87
C SER A 5 -0.85 -0.55 1.97
N PHE A 6 -1.54 -0.55 0.84
CA PHE A 6 -2.91 -1.03 0.78
C PHE A 6 -2.95 -2.56 0.65
N GLY A 7 -1.82 -3.18 0.95
CA GLY A 7 -1.71 -4.62 0.86
C GLY A 7 -1.80 -5.10 -0.59
N LEU A 8 -2.88 -4.71 -1.24
CA LEU A 8 -3.10 -5.09 -2.62
C LEU A 8 -2.25 -4.20 -3.53
N NH2 A 9 -0.95 -4.49 -3.55
HN1 NH2 A 9 -0.60 -5.24 -2.99
HN2 NH2 A 9 -0.33 -3.94 -4.11
N ASP A 1 5.08 2.15 3.02
CA ASP A 1 4.53 2.58 1.74
C ASP A 1 3.18 3.26 1.98
N ARG A 2 2.71 3.95 0.96
CA ARG A 2 1.44 4.65 1.03
C ARG A 2 0.40 3.97 0.14
N LEU A 3 0.66 4.02 -1.16
CA LEU A 3 -0.24 3.41 -2.12
C LEU A 3 -0.06 1.89 -2.09
N TYR A 4 1.18 1.48 -1.86
CA TYR A 4 1.49 0.07 -1.80
C TYR A 4 1.23 -0.51 -0.41
N SER A 5 0.86 0.39 0.50
CA SER A 5 0.58 -0.01 1.87
C SER A 5 -0.85 -0.55 1.97
N PHE A 6 -1.54 -0.55 0.84
CA PHE A 6 -2.91 -1.03 0.78
C PHE A 6 -2.95 -2.56 0.65
N GLY A 7 -1.82 -3.18 0.95
CA GLY A 7 -1.71 -4.62 0.86
C GLY A 7 -1.80 -5.10 -0.59
N LEU A 8 -2.88 -4.71 -1.24
CA LEU A 8 -3.10 -5.09 -2.62
C LEU A 8 -2.25 -4.20 -3.53
N NH2 A 9 -0.96 -4.48 -3.55
HN1 NH2 A 9 -0.60 -5.24 -2.99
HN2 NH2 A 9 -0.33 -3.94 -4.11
N ASP A 1 4.54 1.55 2.76
CA ASP A 1 4.44 2.67 1.85
C ASP A 1 3.07 3.35 2.03
N ARG A 2 2.64 4.01 0.96
CA ARG A 2 1.36 4.69 0.98
C ARG A 2 0.36 3.98 0.08
N LEU A 3 0.65 3.98 -1.21
CA LEU A 3 -0.21 3.33 -2.18
C LEU A 3 0.00 1.81 -2.11
N TYR A 4 1.25 1.44 -1.85
CA TYR A 4 1.59 0.03 -1.75
C TYR A 4 1.33 -0.51 -0.34
N SER A 5 0.93 0.40 0.53
CA SER A 5 0.64 0.03 1.91
C SER A 5 -0.78 -0.53 2.01
N PHE A 6 -1.48 -0.51 0.89
CA PHE A 6 -2.83 -1.01 0.85
C PHE A 6 -2.86 -2.54 0.69
N GLY A 7 -1.70 -3.14 0.93
CA GLY A 7 -1.58 -4.58 0.83
C GLY A 7 -1.73 -5.05 -0.62
N LEU A 8 -2.85 -4.67 -1.21
CA LEU A 8 -3.12 -5.04 -2.59
C LEU A 8 -2.35 -4.12 -3.53
N NH2 A 9 -1.04 -4.36 -3.57
HN1 NH2 A 9 -0.64 -5.09 -3.01
HN2 NH2 A 9 -0.45 -3.80 -4.16
N ASP A 1 4.27 1.28 0.47
CA ASP A 1 4.52 2.07 1.66
C ASP A 1 3.26 2.86 2.02
N ARG A 2 2.80 3.65 1.06
CA ARG A 2 1.61 4.45 1.25
C ARG A 2 0.46 3.92 0.40
N LEU A 3 0.61 4.08 -0.91
CA LEU A 3 -0.41 3.62 -1.84
C LEU A 3 -0.30 2.10 -1.99
N TYR A 4 0.93 1.61 -1.89
CA TYR A 4 1.17 0.18 -2.01
C TYR A 4 0.98 -0.53 -0.66
N SER A 5 0.74 0.28 0.36
CA SER A 5 0.54 -0.26 1.70
C SER A 5 -0.92 -0.66 1.88
N PHE A 6 -1.70 -0.47 0.82
CA PHE A 6 -3.11 -0.81 0.85
C PHE A 6 -3.32 -2.29 0.51
N GLY A 7 -2.76 -3.14 1.34
CA GLY A 7 -2.88 -4.58 1.14
C GLY A 7 -2.07 -5.04 -0.08
N LEU A 8 -2.37 -4.41 -1.20
CA LEU A 8 -1.68 -4.74 -2.44
C LEU A 8 -0.30 -4.08 -2.45
N NH2 A 9 0.22 -3.87 -3.65
HN1 NH2 A 9 -0.29 -4.14 -4.46
HN2 NH2 A 9 1.12 -3.44 -3.73
N ASP A 1 4.27 1.21 0.39
CA ASP A 1 4.53 1.98 1.58
C ASP A 1 3.27 2.74 2.00
N ARG A 2 2.80 3.60 1.09
CA ARG A 2 1.61 4.37 1.35
C ARG A 2 0.46 3.89 0.47
N LEU A 3 0.63 4.11 -0.83
CA LEU A 3 -0.39 3.72 -1.80
C LEU A 3 -0.33 2.19 -1.99
N TYR A 4 0.89 1.67 -1.91
CA TYR A 4 1.09 0.24 -2.08
C TYR A 4 0.90 -0.50 -0.75
N SER A 5 0.70 0.28 0.30
CA SER A 5 0.50 -0.29 1.62
C SER A 5 -0.97 -0.67 1.80
N PHE A 6 -1.75 -0.43 0.75
CA PHE A 6 -3.16 -0.75 0.78
C PHE A 6 -3.40 -2.24 0.52
N GLY A 7 -2.73 -3.06 1.31
CA GLY A 7 -2.85 -4.50 1.18
C GLY A 7 -2.04 -5.02 -0.02
N LEU A 8 -2.29 -4.40 -1.16
CA LEU A 8 -1.60 -4.79 -2.37
C LEU A 8 -0.19 -4.18 -2.37
N NH2 A 9 0.32 -3.94 -3.56
HN1 NH2 A 9 -0.20 -4.15 -4.39
HN2 NH2 A 9 1.23 -3.54 -3.65
N ASP A 1 5.17 1.31 2.38
CA ASP A 1 4.56 2.01 1.26
C ASP A 1 3.31 2.74 1.75
N ARG A 2 2.79 3.60 0.88
CA ARG A 2 1.61 4.37 1.22
C ARG A 2 0.42 3.90 0.38
N LEU A 3 0.51 4.13 -0.92
CA LEU A 3 -0.54 3.72 -1.83
C LEU A 3 -0.49 2.21 -2.04
N TYR A 4 0.74 1.69 -2.03
CA TYR A 4 0.95 0.27 -2.23
C TYR A 4 0.83 -0.49 -0.89
N SER A 5 0.68 0.29 0.17
CA SER A 5 0.56 -0.30 1.50
C SER A 5 -0.90 -0.70 1.76
N PHE A 6 -1.73 -0.46 0.75
CA PHE A 6 -3.14 -0.79 0.86
C PHE A 6 -3.37 -2.29 0.60
N GLY A 7 -2.66 -3.11 1.35
CA GLY A 7 -2.78 -4.55 1.21
C GLY A 7 -2.03 -5.03 -0.02
N LEU A 8 -2.34 -4.42 -1.15
CA LEU A 8 -1.71 -4.79 -2.41
C LEU A 8 -0.32 -4.17 -2.48
N NH2 A 9 0.13 -3.91 -3.70
HN1 NH2 A 9 -0.44 -4.13 -4.50
HN2 NH2 A 9 1.03 -3.50 -3.83
N ASP A 1 4.27 1.20 0.38
CA ASP A 1 4.53 1.98 1.58
C ASP A 1 3.27 2.74 2.00
N ARG A 2 2.80 3.60 1.09
CA ARG A 2 1.61 4.37 1.35
C ARG A 2 0.46 3.89 0.47
N LEU A 3 0.63 4.11 -0.83
CA LEU A 3 -0.39 3.72 -1.80
C LEU A 3 -0.33 2.19 -1.99
N TYR A 4 0.89 1.67 -1.91
CA TYR A 4 1.09 0.24 -2.08
C TYR A 4 0.90 -0.50 -0.75
N SER A 5 0.70 0.28 0.30
CA SER A 5 0.50 -0.29 1.62
C SER A 5 -0.97 -0.67 1.80
N PHE A 6 -1.75 -0.43 0.75
CA PHE A 6 -3.17 -0.76 0.79
C PHE A 6 -3.40 -2.24 0.52
N GLY A 7 -2.73 -3.07 1.31
CA GLY A 7 -2.85 -4.50 1.18
C GLY A 7 -2.04 -5.02 -0.02
N LEU A 8 -2.29 -4.40 -1.16
CA LEU A 8 -1.60 -4.79 -2.37
C LEU A 8 -0.19 -4.18 -2.37
N NH2 A 9 0.32 -3.94 -3.56
HN1 NH2 A 9 -0.20 -4.15 -4.39
HN2 NH2 A 9 1.23 -3.53 -3.65
N ASP A 1 4.26 1.20 0.39
CA ASP A 1 4.54 1.99 1.58
C ASP A 1 3.27 2.74 2.00
N ARG A 2 2.80 3.60 1.09
CA ARG A 2 1.61 4.37 1.35
C ARG A 2 0.46 3.89 0.47
N LEU A 3 0.63 4.11 -0.83
CA LEU A 3 -0.39 3.72 -1.80
C LEU A 3 -0.33 2.19 -1.99
N TYR A 4 0.89 1.67 -1.91
CA TYR A 4 1.09 0.24 -2.08
C TYR A 4 0.90 -0.50 -0.75
N SER A 5 0.70 0.28 0.30
CA SER A 5 0.50 -0.29 1.62
C SER A 5 -0.97 -0.67 1.80
N PHE A 6 -1.75 -0.43 0.75
CA PHE A 6 -3.17 -0.76 0.79
C PHE A 6 -3.40 -2.24 0.52
N GLY A 7 -2.72 -3.06 1.32
CA GLY A 7 -2.85 -4.50 1.18
C GLY A 7 -2.04 -5.02 -0.02
N LEU A 8 -2.29 -4.40 -1.16
CA LEU A 8 -1.60 -4.79 -2.37
C LEU A 8 -0.19 -4.18 -2.37
N NH2 A 9 0.32 -3.94 -3.57
HN1 NH2 A 9 -0.20 -4.15 -4.39
HN2 NH2 A 9 1.23 -3.53 -3.65
N ASP A 1 4.08 1.04 0.73
CA ASP A 1 4.36 1.91 1.87
C ASP A 1 3.17 2.82 2.12
N ARG A 2 2.78 3.54 1.09
CA ARG A 2 1.65 4.45 1.19
C ARG A 2 0.48 3.93 0.36
N LEU A 3 0.57 4.12 -0.94
CA LEU A 3 -0.48 3.68 -1.85
C LEU A 3 -0.37 2.17 -2.04
N TYR A 4 0.87 1.68 -1.99
CA TYR A 4 1.12 0.26 -2.15
C TYR A 4 0.97 -0.48 -0.82
N SER A 5 0.80 0.29 0.23
CA SER A 5 0.66 -0.27 1.56
C SER A 5 -0.80 -0.66 1.81
N PHE A 6 -1.61 -0.43 0.79
CA PHE A 6 -3.03 -0.75 0.88
C PHE A 6 -3.28 -2.24 0.59
N GLY A 7 -2.64 -3.08 1.39
CA GLY A 7 -2.77 -4.51 1.23
C GLY A 7 -2.02 -5.01 -0.01
N LEU A 8 -2.35 -4.40 -1.14
CA LEU A 8 -1.70 -4.76 -2.40
C LEU A 8 -0.32 -4.13 -2.46
N NH2 A 9 0.15 -3.94 -3.68
HN1 NH2 A 9 -0.40 -4.19 -4.48
HN2 NH2 A 9 1.05 -3.52 -3.81
N ASP A 1 4.69 1.52 2.63
CA ASP A 1 4.53 2.67 1.75
C ASP A 1 3.17 3.32 1.98
N ARG A 2 2.69 4.02 0.97
CA ARG A 2 1.40 4.69 1.06
C ARG A 2 0.38 4.00 0.15
N LEU A 3 0.66 4.04 -1.14
CA LEU A 3 -0.22 3.43 -2.12
C LEU A 3 -0.03 1.90 -2.08
N TYR A 4 1.20 1.50 -1.83
CA TYR A 4 1.53 0.09 -1.77
C TYR A 4 1.24 -0.48 -0.37
N SER A 5 0.87 0.41 0.53
CA SER A 5 0.56 0.02 1.89
C SER A 5 -0.86 -0.52 1.98
N PHE A 6 -1.53 -0.53 0.84
CA PHE A 6 -2.90 -1.01 0.78
C PHE A 6 -2.94 -2.53 0.66
N GLY A 7 -1.81 -3.15 0.96
CA GLY A 7 -1.69 -4.60 0.89
C GLY A 7 -1.75 -5.09 -0.56
N LEU A 8 -2.84 -4.70 -1.23
CA LEU A 8 -3.03 -5.09 -2.62
C LEU A 8 -2.17 -4.20 -3.51
N NH2 A 9 -0.88 -4.49 -3.51
HN1 NH2 A 9 -0.54 -5.23 -2.95
HN2 NH2 A 9 -0.25 -3.95 -4.07
N ASP A 1 4.91 1.29 2.74
CA ASP A 1 4.44 1.94 1.52
C ASP A 1 3.26 2.83 1.86
N ARG A 2 2.80 3.56 0.85
CA ARG A 2 1.67 4.46 1.02
C ARG A 2 0.45 3.92 0.27
N LEU A 3 0.46 4.12 -1.04
CA LEU A 3 -0.62 3.66 -1.89
C LEU A 3 -0.52 2.14 -2.08
N TYR A 4 0.72 1.67 -2.09
CA TYR A 4 0.97 0.25 -2.27
C TYR A 4 0.91 -0.49 -0.93
N SER A 5 0.78 0.30 0.13
CA SER A 5 0.71 -0.27 1.47
C SER A 5 -0.73 -0.69 1.79
N PHE A 6 -1.60 -0.48 0.80
CA PHE A 6 -3.01 -0.83 0.96
C PHE A 6 -3.24 -2.30 0.65
N GLY A 7 -2.58 -3.15 1.42
CA GLY A 7 -2.70 -4.58 1.24
C GLY A 7 -2.01 -5.04 -0.05
N LEU A 8 -2.41 -4.42 -1.15
CA LEU A 8 -1.84 -4.75 -2.45
C LEU A 8 -0.47 -4.09 -2.57
N NH2 A 9 -0.07 -3.86 -3.81
HN1 NH2 A 9 -0.65 -4.13 -4.58
HN2 NH2 A 9 0.83 -3.44 -3.98
N ASP A 1 4.89 2.13 3.16
CA ASP A 1 4.42 2.58 1.86
C ASP A 1 3.08 3.29 2.02
N ARG A 2 2.67 3.95 0.95
CA ARG A 2 1.40 4.66 0.95
C ARG A 2 0.37 3.95 0.07
N LEU A 3 0.65 3.96 -1.22
CA LEU A 3 -0.24 3.32 -2.18
C LEU A 3 -0.03 1.81 -2.13
N TYR A 4 1.21 1.42 -1.88
CA TYR A 4 1.56 0.01 -1.80
C TYR A 4 1.30 -0.53 -0.39
N SER A 5 0.93 0.37 0.50
CA SER A 5 0.65 -0.01 1.88
C SER A 5 -0.76 -0.56 2.00
N PHE A 6 -1.47 -0.53 0.88
CA PHE A 6 -2.84 -1.03 0.85
C PHE A 6 -2.87 -2.56 0.70
N GLY A 7 -1.72 -3.16 0.92
CA GLY A 7 -1.59 -4.60 0.81
C GLY A 7 -1.76 -5.06 -0.64
N LEU A 8 -2.89 -4.67 -1.22
CA LEU A 8 -3.19 -5.03 -2.60
C LEU A 8 -2.41 -4.12 -3.54
N NH2 A 9 -1.11 -4.36 -3.60
HN1 NH2 A 9 -0.71 -5.10 -3.05
HN2 NH2 A 9 -0.52 -3.81 -4.19
N ASP A 1 4.74 2.00 3.24
CA ASP A 1 4.38 2.53 1.94
C ASP A 1 3.05 3.29 2.05
N ARG A 2 2.66 3.91 0.95
CA ARG A 2 1.42 4.67 0.92
C ARG A 2 0.38 3.96 0.05
N LEU A 3 0.63 3.98 -1.25
CA LEU A 3 -0.26 3.33 -2.19
C LEU A 3 -0.06 1.82 -2.15
N TYR A 4 1.19 1.44 -1.91
CA TYR A 4 1.55 0.03 -1.85
C TYR A 4 1.32 -0.51 -0.43
N SER A 5 0.95 0.38 0.47
CA SER A 5 0.71 0.00 1.85
C SER A 5 -0.72 -0.55 1.99
N PHE A 6 -1.44 -0.53 0.88
CA PHE A 6 -2.81 -1.03 0.87
C PHE A 6 -2.83 -2.54 0.72
N GLY A 7 -1.67 -3.16 0.92
CA GLY A 7 -1.56 -4.59 0.81
C GLY A 7 -1.75 -5.05 -0.64
N LEU A 8 -2.88 -4.67 -1.20
CA LEU A 8 -3.20 -5.04 -2.57
C LEU A 8 -2.42 -4.12 -3.53
N NH2 A 9 -1.13 -4.35 -3.60
HN1 NH2 A 9 -0.72 -5.09 -3.06
HN2 NH2 A 9 -0.55 -3.80 -4.21
N ASP A 1 4.55 1.80 3.33
CA ASP A 1 4.30 2.41 2.04
C ASP A 1 3.02 3.24 2.12
N ARG A 2 2.67 3.85 0.99
CA ARG A 2 1.48 4.67 0.92
C ARG A 2 0.41 3.98 0.07
N LEU A 3 0.60 4.05 -1.24
CA LEU A 3 -0.33 3.44 -2.17
C LEU A 3 -0.13 1.93 -2.18
N TYR A 4 1.13 1.53 -2.01
CA TYR A 4 1.48 0.12 -1.99
C TYR A 4 1.30 -0.47 -0.60
N SER A 5 1.00 0.41 0.36
CA SER A 5 0.81 -0.01 1.73
C SER A 5 -0.62 -0.54 1.92
N PHE A 6 -1.37 -0.52 0.83
CA PHE A 6 -2.75 -0.99 0.85
C PHE A 6 -2.81 -2.51 0.73
N GLY A 7 -1.67 -3.14 0.97
CA GLY A 7 -1.58 -4.58 0.89
C GLY A 7 -1.76 -5.06 -0.56
N LEU A 8 -2.87 -4.67 -1.14
CA LEU A 8 -3.17 -5.05 -2.52
C LEU A 8 -2.36 -4.18 -3.47
N NH2 A 9 -1.07 -4.47 -3.55
HN1 NH2 A 9 -0.69 -5.22 -3.00
HN2 NH2 A 9 -0.47 -3.95 -4.15
N ASP A 1 4.11 1.45 1.31
CA ASP A 1 4.17 2.43 2.38
C ASP A 1 2.89 3.27 2.35
N ARG A 2 2.62 3.86 1.20
CA ARG A 2 1.44 4.69 1.04
C ARG A 2 0.42 4.00 0.13
N LEU A 3 0.71 4.04 -1.16
CA LEU A 3 -0.17 3.43 -2.14
C LEU A 3 0.03 1.91 -2.12
N TYR A 4 1.27 1.52 -1.86
CA TYR A 4 1.61 0.11 -1.79
C TYR A 4 1.33 -0.47 -0.41
N SER A 5 0.98 0.42 0.51
CA SER A 5 0.69 0.03 1.87
C SER A 5 -0.74 -0.50 1.98
N PHE A 6 -1.42 -0.48 0.84
CA PHE A 6 -2.80 -0.94 0.79
C PHE A 6 -2.87 -2.46 0.67
N GLY A 7 -1.75 -3.09 0.99
CA GLY A 7 -1.66 -4.55 0.94
C GLY A 7 -1.75 -5.05 -0.50
N LEU A 8 -2.82 -4.66 -1.18
CA LEU A 8 -3.03 -5.06 -2.56
C LEU A 8 -2.15 -4.20 -3.47
N NH2 A 9 -0.86 -4.50 -3.46
HN1 NH2 A 9 -0.53 -5.24 -2.88
HN2 NH2 A 9 -0.22 -3.98 -4.03
N ASP A 1 5.27 1.38 2.32
CA ASP A 1 4.61 2.04 1.21
C ASP A 1 3.36 2.77 1.72
N ARG A 2 2.82 3.62 0.87
CA ARG A 2 1.63 4.38 1.22
C ARG A 2 0.44 3.90 0.40
N LEU A 3 0.53 4.12 -0.91
CA LEU A 3 -0.53 3.72 -1.81
C LEU A 3 -0.48 2.20 -2.03
N TYR A 4 0.74 1.68 -2.00
CA TYR A 4 0.95 0.26 -2.19
C TYR A 4 0.81 -0.49 -0.87
N SER A 5 0.65 0.28 0.20
CA SER A 5 0.51 -0.30 1.53
C SER A 5 -0.95 -0.71 1.77
N PHE A 6 -1.76 -0.47 0.75
CA PHE A 6 -3.18 -0.81 0.84
C PHE A 6 -3.41 -2.30 0.58
N GLY A 7 -2.69 -3.12 1.33
CA GLY A 7 -2.80 -4.56 1.20
C GLY A 7 -2.03 -5.05 -0.04
N LEU A 8 -2.35 -4.44 -1.17
CA LEU A 8 -1.69 -4.80 -2.42
C LEU A 8 -0.30 -4.16 -2.47
N NH2 A 9 0.15 -3.91 -3.68
HN1 NH2 A 9 -0.40 -4.12 -4.49
HN2 NH2 A 9 1.06 -3.50 -3.80
N ASP A 1 4.32 1.29 0.31
CA ASP A 1 4.59 2.01 1.54
C ASP A 1 3.32 2.75 1.97
N ARG A 2 2.83 3.61 1.09
CA ARG A 2 1.62 4.37 1.38
C ARG A 2 0.47 3.89 0.48
N LEU A 3 0.64 4.12 -0.81
CA LEU A 3 -0.37 3.72 -1.77
C LEU A 3 -0.32 2.20 -1.97
N TYR A 4 0.89 1.66 -1.88
CA TYR A 4 1.10 0.23 -2.05
C TYR A 4 0.88 -0.51 -0.72
N SER A 5 0.67 0.27 0.32
CA SER A 5 0.45 -0.29 1.65
C SER A 5 -1.02 -0.68 1.81
N PHE A 6 -1.79 -0.45 0.75
CA PHE A 6 -3.20 -0.77 0.77
C PHE A 6 -3.42 -2.26 0.50
N GLY A 7 -2.76 -3.08 1.30
CA GLY A 7 -2.87 -4.52 1.16
C GLY A 7 -2.06 -5.02 -0.02
N LEU A 8 -2.29 -4.42 -1.17
CA LEU A 8 -1.58 -4.79 -2.38
C LEU A 8 -0.18 -4.18 -2.36
N NH2 A 9 0.35 -3.93 -3.54
HN1 NH2 A 9 -0.17 -4.15 -4.38
HN2 NH2 A 9 1.26 -3.54 -3.62
N ASP A 1 5.00 1.06 2.22
CA ASP A 1 4.60 2.06 1.24
C ASP A 1 3.36 2.79 1.74
N ARG A 2 2.81 3.63 0.87
CA ARG A 2 1.62 4.39 1.21
C ARG A 2 0.43 3.91 0.39
N LEU A 3 0.52 4.13 -0.92
CA LEU A 3 -0.54 3.73 -1.82
C LEU A 3 -0.48 2.22 -2.03
N TYR A 4 0.74 1.70 -2.01
CA TYR A 4 0.95 0.27 -2.19
C TYR A 4 0.82 -0.48 -0.87
N SER A 5 0.66 0.30 0.20
CA SER A 5 0.53 -0.27 1.53
C SER A 5 -0.93 -0.69 1.77
N PHE A 6 -1.75 -0.47 0.76
CA PHE A 6 -3.17 -0.81 0.85
C PHE A 6 -3.38 -2.29 0.60
N GLY A 7 -2.66 -3.10 1.35
CA GLY A 7 -2.76 -4.55 1.21
C GLY A 7 -2.01 -5.04 -0.03
N LEU A 8 -2.32 -4.43 -1.16
CA LEU A 8 -1.67 -4.79 -2.41
C LEU A 8 -0.28 -4.16 -2.46
N NH2 A 9 0.18 -3.90 -3.68
HN1 NH2 A 9 -0.39 -4.12 -4.47
HN2 NH2 A 9 1.08 -3.49 -3.80
#